data_6SNZ
#
_entry.id   6SNZ
#
_cell.length_a   88.070
_cell.length_b   37.470
_cell.length_c   101.680
_cell.angle_alpha   90.00
_cell.angle_beta   94.12
_cell.angle_gamma   90.00
#
_symmetry.space_group_name_H-M   'P 1 21 1'
#
loop_
_entity.id
_entity.type
_entity.pdbx_description
1 polymer Prelamin-A/C
2 non-polymer GLYCEROL
3 water water
#
_entity_poly.entity_id   1
_entity_poly.type   'polypeptide(L)'
_entity_poly.pdbx_seq_one_letter_code
;GSESEEVVSREVSGIKAAYEAELGDARKTLDSVAKERARLQLELSKVREEFKELKARNTKKEGDLIAAQARLKDLEALLN
SKEAALSTALSEKRTLEGELHDLRGQVAKLEAALGEAKKQLQDEMLRRVDAENRLQTMKEELDFQKNIYSEELRETKRRH
;
_entity_poly.pdbx_strand_id   A,B,C,D
#
# COMPACT_ATOMS: atom_id res chain seq x y z
N GLY A 1 -46.53 79.98 -43.68
CA GLY A 1 -45.88 79.90 -44.98
C GLY A 1 -44.47 79.38 -44.92
N SER A 2 -43.49 80.28 -45.13
CA SER A 2 -42.06 79.94 -45.08
C SER A 2 -41.60 79.78 -43.62
N GLU A 3 -42.31 80.41 -42.67
CA GLU A 3 -42.07 80.35 -41.22
C GLU A 3 -42.61 79.01 -40.66
N SER A 4 -43.58 78.41 -41.37
CA SER A 4 -44.22 77.13 -41.05
C SER A 4 -43.32 75.95 -41.49
N GLU A 5 -42.47 76.16 -42.53
CA GLU A 5 -41.53 75.16 -43.06
C GLU A 5 -40.18 75.19 -42.32
N GLU A 6 -39.79 76.38 -41.82
CA GLU A 6 -38.54 76.60 -41.08
C GLU A 6 -38.61 75.99 -39.67
N VAL A 7 -39.80 76.08 -39.01
CA VAL A 7 -40.03 75.54 -37.66
C VAL A 7 -39.97 73.99 -37.62
N VAL A 8 -40.35 73.32 -38.74
CA VAL A 8 -40.33 71.87 -38.86
C VAL A 8 -38.90 71.38 -39.15
N SER A 9 -38.17 72.07 -40.06
CA SER A 9 -36.78 71.77 -40.43
C SER A 9 -35.84 71.89 -39.22
N ARG A 10 -36.05 72.93 -38.37
CA ARG A 10 -35.27 73.17 -37.14
C ARG A 10 -35.65 72.18 -36.03
N GLU A 11 -36.89 71.64 -36.07
CA GLU A 11 -37.40 70.65 -35.12
C GLU A 11 -36.79 69.27 -35.43
N VAL A 12 -36.82 68.86 -36.73
CA VAL A 12 -36.27 67.59 -37.22
C VAL A 12 -34.76 67.54 -36.93
N SER A 13 -34.03 68.64 -37.21
CA SER A 13 -32.59 68.78 -36.96
C SER A 13 -32.27 68.64 -35.45
N GLY A 14 -33.18 69.10 -34.61
CA GLY A 14 -33.06 69.03 -33.15
C GLY A 14 -33.22 67.61 -32.63
N ILE A 15 -34.30 66.91 -33.06
CA ILE A 15 -34.58 65.52 -32.66
C ILE A 15 -33.54 64.55 -33.26
N LYS A 16 -33.01 64.88 -34.47
CA LYS A 16 -31.98 64.14 -35.19
C LYS A 16 -30.71 64.19 -34.34
N ALA A 17 -30.25 65.41 -33.98
CA ALA A 17 -29.06 65.66 -33.15
C ALA A 17 -29.14 65.01 -31.77
N ALA A 18 -30.34 64.93 -31.17
CA ALA A 18 -30.57 64.31 -29.86
C ALA A 18 -30.42 62.79 -29.95
N TYR A 19 -31.00 62.17 -31.00
CA TYR A 19 -30.93 60.74 -31.27
C TYR A 19 -29.48 60.32 -31.53
N GLU A 20 -28.74 61.12 -32.33
CA GLU A 20 -27.34 60.90 -32.68
C GLU A 20 -26.44 60.93 -31.44
N ALA A 21 -26.78 61.80 -30.47
CA ALA A 21 -26.08 61.94 -29.19
C ALA A 21 -26.37 60.73 -28.28
N GLU A 22 -27.63 60.26 -28.25
CA GLU A 22 -28.07 59.13 -27.44
C GLU A 22 -27.54 57.81 -27.96
N LEU A 23 -27.57 57.61 -29.31
CA LEU A 23 -27.06 56.38 -29.93
C LEU A 23 -25.53 56.30 -29.82
N GLY A 24 -24.86 57.46 -29.78
CA GLY A 24 -23.42 57.58 -29.58
C GLY A 24 -23.03 57.19 -28.17
N ASP A 25 -23.88 57.57 -27.19
CA ASP A 25 -23.70 57.25 -25.78
C ASP A 25 -24.03 55.75 -25.54
N ALA A 26 -24.88 55.17 -26.41
CA ALA A 26 -25.25 53.75 -26.40
C ALA A 26 -24.12 52.92 -27.03
N ARG A 27 -23.39 53.48 -28.02
CA ARG A 27 -22.26 52.84 -28.70
C ARG A 27 -21.06 52.77 -27.74
N LYS A 28 -20.85 53.88 -26.98
CA LYS A 28 -19.76 54.03 -26.00
C LYS A 28 -19.93 53.08 -24.84
N THR A 29 -21.18 52.82 -24.44
CA THR A 29 -21.48 51.87 -23.39
C THR A 29 -21.26 50.45 -23.93
N LEU A 30 -21.56 50.21 -25.23
CA LEU A 30 -21.41 48.91 -25.91
C LEU A 30 -19.98 48.45 -25.95
N ASP A 31 -19.04 49.37 -26.24
CA ASP A 31 -17.60 49.09 -26.28
C ASP A 31 -17.06 48.79 -24.88
N SER A 32 -17.57 49.54 -23.87
CA SER A 32 -17.24 49.41 -22.45
C SER A 32 -17.54 47.98 -21.99
N VAL A 33 -18.76 47.48 -22.28
CA VAL A 33 -19.19 46.10 -21.97
C VAL A 33 -18.35 45.08 -22.76
N ALA A 34 -18.02 45.38 -24.05
CA ALA A 34 -17.20 44.56 -24.95
C ALA A 34 -15.78 44.36 -24.41
N LYS A 35 -15.24 45.40 -23.74
CA LYS A 35 -13.91 45.35 -23.13
C LYS A 35 -13.94 44.46 -21.86
N GLU A 36 -14.99 44.61 -21.03
CA GLU A 36 -15.19 43.85 -19.79
C GLU A 36 -15.43 42.39 -20.10
N ARG A 37 -16.22 42.11 -21.16
CA ARG A 37 -16.49 40.76 -21.61
C ARG A 37 -15.19 40.08 -22.02
N ALA A 38 -14.32 40.81 -22.74
CA ALA A 38 -13.00 40.36 -23.20
C ALA A 38 -12.06 40.11 -22.02
N ARG A 39 -12.12 40.99 -20.98
CA ARG A 39 -11.31 40.86 -19.77
C ARG A 39 -11.68 39.58 -19.05
N LEU A 40 -12.99 39.33 -18.83
CA LEU A 40 -13.55 38.16 -18.17
C LEU A 40 -13.26 36.87 -18.92
N GLN A 41 -13.34 36.88 -20.28
CA GLN A 41 -13.06 35.72 -21.12
C GLN A 41 -11.60 35.28 -20.94
N LEU A 42 -10.66 36.25 -20.91
CA LEU A 42 -9.23 36.00 -20.73
C LEU A 42 -8.94 35.50 -19.33
N GLU A 43 -9.51 36.16 -18.32
CA GLU A 43 -9.38 35.82 -16.90
C GLU A 43 -9.91 34.41 -16.64
N LEU A 44 -11.04 34.03 -17.29
CA LEU A 44 -11.66 32.71 -17.21
C LEU A 44 -10.77 31.65 -17.85
N SER A 45 -10.16 31.98 -19.01
CA SER A 45 -9.25 31.12 -19.75
C SER A 45 -7.98 30.80 -18.93
N LYS A 46 -7.50 31.80 -18.17
CA LYS A 46 -6.33 31.69 -17.29
C LYS A 46 -6.60 30.70 -16.15
N VAL A 47 -7.69 30.93 -15.37
CA VAL A 47 -8.09 30.12 -14.21
C VAL A 47 -8.40 28.66 -14.62
N ARG A 48 -9.08 28.44 -15.77
CA ARG A 48 -9.43 27.11 -16.30
C ARG A 48 -8.16 26.30 -16.53
N GLU A 49 -7.15 26.95 -17.14
CA GLU A 49 -5.85 26.36 -17.42
C GLU A 49 -5.12 26.00 -16.13
N GLU A 50 -5.08 26.96 -15.18
CA GLU A 50 -4.44 26.79 -13.87
C GLU A 50 -5.09 25.63 -13.13
N PHE A 51 -6.44 25.53 -13.19
CA PHE A 51 -7.22 24.47 -12.54
C PHE A 51 -6.89 23.10 -13.13
N LYS A 52 -6.83 23.02 -14.48
CA LYS A 52 -6.53 21.80 -15.22
C LYS A 52 -5.16 21.24 -14.81
N GLU A 53 -4.16 22.15 -14.73
CA GLU A 53 -2.78 21.85 -14.33
C GLU A 53 -2.70 21.44 -12.86
N LEU A 54 -3.44 22.14 -11.96
CA LEU A 54 -3.48 21.85 -10.52
C LEU A 54 -4.15 20.50 -10.26
N LYS A 55 -5.24 20.21 -10.98
CA LYS A 55 -5.95 18.94 -10.85
C LYS A 55 -5.06 17.76 -11.26
N ALA A 56 -4.25 17.93 -12.31
CA ALA A 56 -3.30 16.94 -12.82
C ALA A 56 -2.17 16.67 -11.81
N ARG A 57 -1.66 17.74 -11.16
CA ARG A 57 -0.62 17.70 -10.13
C ARG A 57 -1.15 17.00 -8.87
N ASN A 58 -2.37 17.36 -8.42
CA ASN A 58 -3.05 16.80 -7.26
C ASN A 58 -3.37 15.32 -7.42
N THR A 59 -3.84 14.91 -8.61
CA THR A 59 -4.16 13.51 -8.93
C THR A 59 -2.92 12.63 -8.73
N LYS A 60 -1.76 13.14 -9.19
CA LYS A 60 -0.47 12.48 -9.06
C LYS A 60 -0.02 12.44 -7.59
N LYS A 61 -0.14 13.59 -6.86
CA LYS A 61 0.22 13.69 -5.44
C LYS A 61 -0.57 12.77 -4.54
N GLU A 62 -1.90 12.69 -4.76
CA GLU A 62 -2.79 11.85 -3.96
C GLU A 62 -2.50 10.37 -4.15
N GLY A 63 -2.23 9.95 -5.39
CA GLY A 63 -1.88 8.58 -5.73
C GLY A 63 -0.55 8.19 -5.11
N ASP A 64 0.40 9.16 -5.06
CA ASP A 64 1.72 9.03 -4.46
C ASP A 64 1.56 8.91 -2.95
N LEU A 65 0.60 9.66 -2.37
CA LEU A 65 0.31 9.65 -0.94
C LEU A 65 -0.26 8.31 -0.50
N ILE A 66 -1.30 7.81 -1.18
CA ILE A 66 -1.92 6.51 -0.90
C ILE A 66 -0.85 5.39 -0.89
N ALA A 67 0.03 5.39 -1.90
CA ALA A 67 1.14 4.45 -2.07
C ALA A 67 2.15 4.51 -0.90
N ALA A 68 2.53 5.74 -0.49
CA ALA A 68 3.45 6.00 0.63
C ALA A 68 2.85 5.48 1.94
N GLN A 69 1.53 5.72 2.16
CA GLN A 69 0.78 5.30 3.35
C GLN A 69 0.67 3.79 3.44
N ALA A 70 0.51 3.11 2.29
CA ALA A 70 0.43 1.66 2.20
C ALA A 70 1.80 1.04 2.54
N ARG A 71 2.87 1.64 2.00
CA ARG A 71 4.25 1.24 2.23
C ARG A 71 4.64 1.46 3.69
N LEU A 72 4.20 2.59 4.29
CA LEU A 72 4.46 2.94 5.69
C LEU A 72 3.87 1.91 6.63
N LYS A 73 2.59 1.54 6.41
CA LYS A 73 1.80 0.55 7.15
C LYS A 73 2.52 -0.81 7.16
N ASP A 74 3.03 -1.22 5.98
CA ASP A 74 3.78 -2.46 5.80
C ASP A 74 5.12 -2.41 6.53
N LEU A 75 5.80 -1.23 6.51
CA LEU A 75 7.10 -1.07 7.17
C LEU A 75 7.02 -1.03 8.68
N GLU A 76 6.01 -0.33 9.24
CA GLU A 76 5.79 -0.22 10.69
C GLU A 76 5.45 -1.58 11.32
N ALA A 77 4.72 -2.42 10.56
CA ALA A 77 4.35 -3.78 10.94
C ALA A 77 5.57 -4.71 10.94
N LEU A 78 6.43 -4.58 9.91
CA LEU A 78 7.65 -5.35 9.75
C LEU A 78 8.69 -4.98 10.82
N LEU A 79 8.78 -3.69 11.15
CA LEU A 79 9.65 -3.14 12.19
C LEU A 79 9.28 -3.71 13.56
N ASN A 80 7.97 -3.86 13.84
CA ASN A 80 7.40 -4.42 15.06
C ASN A 80 7.73 -5.90 15.18
N SER A 81 7.68 -6.65 14.05
CA SER A 81 8.01 -8.07 13.97
C SER A 81 9.49 -8.25 14.27
N LYS A 82 10.35 -7.40 13.65
CA LYS A 82 11.81 -7.42 13.81
C LYS A 82 12.20 -7.14 15.25
N GLU A 83 11.58 -6.15 15.87
CA GLU A 83 11.83 -5.79 17.26
C GLU A 83 11.47 -6.95 18.21
N ALA A 84 10.34 -7.66 17.94
CA ALA A 84 9.90 -8.82 18.71
C ALA A 84 10.93 -9.96 18.58
N ALA A 85 11.36 -10.27 17.34
CA ALA A 85 12.36 -11.28 17.01
C ALA A 85 13.67 -10.98 17.71
N LEU A 86 14.08 -9.68 17.71
CA LEU A 86 15.30 -9.19 18.36
C LEU A 86 15.21 -9.35 19.86
N SER A 87 14.06 -8.98 20.44
CA SER A 87 13.74 -9.09 21.87
C SER A 87 13.81 -10.54 22.36
N THR A 88 13.33 -11.48 21.52
CA THR A 88 13.34 -12.92 21.79
C THR A 88 14.77 -13.45 21.76
N ALA A 89 15.54 -13.09 20.70
CA ALA A 89 16.92 -13.48 20.48
C ALA A 89 17.83 -13.07 21.62
N LEU A 90 17.63 -11.86 22.17
CA LEU A 90 18.43 -11.35 23.29
C LEU A 90 18.07 -12.02 24.59
N SER A 91 16.80 -12.39 24.75
CA SER A 91 16.28 -13.09 25.90
C SER A 91 16.84 -14.52 25.93
N GLU A 92 16.83 -15.20 24.78
CA GLU A 92 17.34 -16.56 24.61
C GLU A 92 18.86 -16.61 24.82
N LYS A 93 19.58 -15.56 24.35
CA LYS A 93 21.04 -15.38 24.49
C LYS A 93 21.39 -15.28 25.99
N ARG A 94 20.58 -14.51 26.75
CA ARG A 94 20.75 -14.28 28.19
C ARG A 94 20.66 -15.59 28.98
N THR A 95 19.71 -16.48 28.59
CA THR A 95 19.50 -17.79 29.19
C THR A 95 20.73 -18.66 28.91
N LEU A 96 21.26 -18.59 27.65
CA LEU A 96 22.42 -19.36 27.22
C LEU A 96 23.64 -18.98 28.02
N GLU A 97 23.88 -17.66 28.20
CA GLU A 97 25.02 -17.13 28.96
C GLU A 97 25.02 -17.59 30.42
N GLY A 98 23.79 -17.78 30.95
CA GLY A 98 23.57 -18.25 32.31
C GLY A 98 23.88 -19.71 32.47
N GLU A 99 23.42 -20.53 31.50
CA GLU A 99 23.66 -21.97 31.45
C GLU A 99 25.14 -22.26 31.27
N LEU A 100 25.80 -21.45 30.41
CA LEU A 100 27.22 -21.51 30.08
C LEU A 100 28.07 -21.22 31.31
N HIS A 101 27.70 -20.20 32.10
CA HIS A 101 28.38 -19.81 33.33
C HIS A 101 28.31 -20.95 34.36
N ASP A 102 27.12 -21.57 34.47
CA ASP A 102 26.87 -22.71 35.36
C ASP A 102 27.68 -23.93 34.95
N LEU A 103 27.79 -24.20 33.63
CA LEU A 103 28.54 -25.34 33.10
C LEU A 103 30.04 -25.18 33.30
N ARG A 104 30.56 -23.93 33.18
CA ARG A 104 31.99 -23.63 33.36
C ARG A 104 32.44 -23.89 34.81
N GLY A 105 31.54 -23.59 35.76
CA GLY A 105 31.79 -23.83 37.17
C GLY A 105 31.82 -25.33 37.48
N GLN A 106 30.96 -26.07 36.77
CA GLN A 106 30.83 -27.52 36.86
C GLN A 106 32.06 -28.23 36.35
N VAL A 107 32.63 -27.78 35.20
CA VAL A 107 33.83 -28.38 34.61
C VAL A 107 35.01 -28.23 35.58
N ALA A 108 35.22 -27.00 36.11
CA ALA A 108 36.28 -26.66 37.07
C ALA A 108 36.21 -27.53 38.35
N LYS A 109 34.97 -27.75 38.85
CA LYS A 109 34.67 -28.53 40.05
C LYS A 109 34.91 -30.04 39.79
N LEU A 110 34.59 -30.51 38.56
CA LEU A 110 34.79 -31.91 38.18
C LEU A 110 36.26 -32.21 37.92
N GLU A 111 37.03 -31.22 37.40
CA GLU A 111 38.46 -31.34 37.11
C GLU A 111 39.25 -31.48 38.40
N ALA A 112 38.90 -30.67 39.42
CA ALA A 112 39.54 -30.69 40.74
C ALA A 112 39.24 -32.02 41.45
N ALA A 113 38.00 -32.49 41.37
CA ALA A 113 37.55 -33.76 41.95
C ALA A 113 38.23 -34.96 41.28
N LEU A 114 38.43 -34.88 39.95
CA LEU A 114 39.07 -35.94 39.17
C LEU A 114 40.55 -36.05 39.48
N GLY A 115 41.22 -34.89 39.63
CA GLY A 115 42.64 -34.80 39.97
C GLY A 115 42.94 -35.41 41.33
N GLU A 116 42.05 -35.15 42.31
CA GLU A 116 42.17 -35.66 43.68
C GLU A 116 41.85 -37.16 43.75
N ALA A 117 40.86 -37.62 42.96
CA ALA A 117 40.49 -39.05 42.90
C ALA A 117 41.62 -39.87 42.30
N LYS A 118 42.33 -39.30 41.29
CA LYS A 118 43.46 -39.93 40.61
C LYS A 118 44.69 -39.99 41.54
N LYS A 119 44.89 -38.93 42.35
CA LYS A 119 45.99 -38.83 43.32
C LYS A 119 45.85 -39.89 44.41
N GLN A 120 44.60 -40.14 44.86
CA GLN A 120 44.29 -41.13 45.88
C GLN A 120 44.41 -42.55 45.35
N LEU A 121 44.09 -42.75 44.06
CA LEU A 121 44.19 -44.05 43.38
C LEU A 121 45.66 -44.42 43.22
N GLN A 122 46.51 -43.42 42.88
CA GLN A 122 47.95 -43.54 42.70
C GLN A 122 48.63 -44.07 43.97
N ASP A 123 48.34 -43.43 45.13
CA ASP A 123 48.85 -43.80 46.46
C ASP A 123 48.36 -45.20 46.90
N GLU A 124 47.07 -45.53 46.62
CA GLU A 124 46.48 -46.82 46.96
C GLU A 124 47.07 -47.97 46.14
N MET A 125 47.35 -47.73 44.85
CA MET A 125 47.95 -48.75 43.98
C MET A 125 49.33 -49.12 44.49
N LEU A 126 50.09 -48.14 45.01
CA LEU A 126 51.41 -48.33 45.58
C LEU A 126 51.37 -49.19 46.83
N ARG A 127 50.44 -48.86 47.75
CA ARG A 127 50.22 -49.58 49.00
C ARG A 127 49.81 -51.03 48.73
N ARG A 128 48.94 -51.25 47.69
CA ARG A 128 48.50 -52.59 47.28
C ARG A 128 49.68 -53.41 46.76
N VAL A 129 50.48 -52.84 45.84
CA VAL A 129 51.69 -53.45 45.25
C VAL A 129 52.66 -53.85 46.38
N ASP A 130 52.96 -52.90 47.30
CA ASP A 130 53.83 -53.13 48.46
C ASP A 130 53.30 -54.24 49.37
N ALA A 131 52.00 -54.19 49.74
CA ALA A 131 51.37 -55.20 50.60
C ALA A 131 51.39 -56.58 49.95
N GLU A 132 51.19 -56.65 48.62
CA GLU A 132 51.22 -57.91 47.86
C GLU A 132 52.64 -58.48 47.72
N ASN A 133 53.65 -57.58 47.66
CA ASN A 133 55.05 -57.96 47.58
C ASN A 133 55.51 -58.47 48.94
N ARG A 134 55.11 -57.78 50.04
CA ARG A 134 55.45 -58.16 51.41
C ARG A 134 54.77 -59.47 51.85
N LEU A 135 53.62 -59.81 51.22
CA LEU A 135 52.86 -61.03 51.44
C LEU A 135 53.57 -62.21 50.81
N GLN A 136 54.08 -62.03 49.55
CA GLN A 136 54.84 -63.04 48.81
C GLN A 136 56.14 -63.38 49.56
N THR A 137 56.77 -62.36 50.17
CA THR A 137 57.98 -62.49 50.97
C THR A 137 57.67 -63.26 52.28
N MET A 138 56.50 -62.99 52.89
CA MET A 138 56.03 -63.65 54.12
C MET A 138 55.68 -65.13 53.84
N LYS A 139 55.11 -65.42 52.65
CA LYS A 139 54.78 -66.77 52.22
C LYS A 139 56.07 -67.54 52.01
N GLU A 140 57.09 -66.89 51.41
CA GLU A 140 58.43 -67.44 51.16
C GLU A 140 59.19 -67.72 52.45
N GLU A 141 58.96 -66.90 53.48
CA GLU A 141 59.59 -67.04 54.79
C GLU A 141 58.99 -68.24 55.53
N LEU A 142 57.64 -68.42 55.45
CA LEU A 142 56.89 -69.50 56.08
C LEU A 142 57.27 -70.88 55.52
N ASP A 143 57.43 -70.98 54.17
CA ASP A 143 57.83 -72.22 53.48
C ASP A 143 59.27 -72.59 53.84
N PHE A 144 60.15 -71.59 54.00
CA PHE A 144 61.54 -71.78 54.36
C PHE A 144 61.71 -72.15 55.83
N GLN A 145 60.77 -71.71 56.69
CA GLN A 145 60.76 -71.99 58.12
C GLN A 145 60.23 -73.41 58.38
N LYS A 146 59.28 -73.86 57.53
CA LYS A 146 58.67 -75.20 57.58
C LYS A 146 59.61 -76.24 56.97
N ASN A 147 60.45 -75.85 56.00
CA ASN A 147 61.42 -76.73 55.35
C ASN A 147 62.65 -76.97 56.22
N ILE A 148 63.10 -75.95 56.97
CA ILE A 148 64.22 -76.06 57.91
C ILE A 148 63.77 -76.87 59.13
N TYR A 149 62.46 -76.77 59.49
CA TYR A 149 61.82 -77.52 60.59
C TYR A 149 61.89 -79.02 60.30
N SER A 150 61.54 -79.43 59.05
CA SER A 150 61.52 -80.81 58.57
C SER A 150 62.91 -81.41 58.27
N GLU A 151 63.77 -80.68 57.53
CA GLU A 151 65.12 -81.13 57.16
C GLU A 151 66.09 -81.21 58.36
N GLU A 152 65.78 -80.48 59.45
CA GLU A 152 66.59 -80.47 60.67
C GLU A 152 66.11 -81.54 61.68
N LEU A 153 64.78 -81.70 61.89
CA LEU A 153 64.23 -82.72 62.80
C LEU A 153 64.38 -84.16 62.25
N ARG A 154 64.77 -84.26 60.96
CA ARG A 154 65.06 -85.49 60.22
C ARG A 154 66.41 -86.04 60.72
N GLU A 155 67.34 -85.13 61.08
CA GLU A 155 68.70 -85.42 61.56
C GLU A 155 68.86 -85.31 63.08
N THR A 156 67.93 -84.60 63.77
CA THR A 156 67.95 -84.41 65.22
C THR A 156 67.57 -85.69 66.00
N LYS A 157 66.45 -86.34 65.59
CA LYS A 157 65.95 -87.56 66.23
C LYS A 157 66.86 -88.80 66.03
N ARG A 158 67.68 -88.80 64.95
CA ARG A 158 68.60 -89.89 64.61
C ARG A 158 69.93 -89.83 65.38
N ARG A 159 70.45 -88.61 65.65
CA ARG A 159 71.72 -88.36 66.34
C ARG A 159 71.53 -88.09 67.86
N HIS A 160 70.63 -88.88 68.52
CA HIS A 160 70.27 -88.81 69.94
C HIS A 160 69.70 -87.45 70.33
N GLY B 1 -56.35 72.83 -49.06
CA GLY B 1 -55.40 71.84 -49.54
C GLY B 1 -54.40 71.37 -48.49
N SER B 2 -54.89 71.06 -47.27
CA SER B 2 -54.09 70.60 -46.12
C SER B 2 -53.57 69.15 -46.25
N GLU B 3 -53.68 68.55 -47.45
CA GLU B 3 -53.17 67.21 -47.74
C GLU B 3 -51.65 67.28 -47.95
N SER B 4 -51.13 68.45 -48.41
CA SER B 4 -49.70 68.71 -48.63
C SER B 4 -48.95 68.85 -47.28
N GLU B 5 -49.66 69.34 -46.24
CA GLU B 5 -49.16 69.54 -44.88
C GLU B 5 -49.27 68.25 -44.06
N GLU B 6 -50.18 67.34 -44.47
CA GLU B 6 -50.35 66.06 -43.79
C GLU B 6 -49.23 65.08 -44.20
N VAL B 7 -48.59 65.32 -45.37
CA VAL B 7 -47.46 64.52 -45.90
C VAL B 7 -46.21 64.76 -45.01
N VAL B 8 -45.93 66.03 -44.69
CA VAL B 8 -44.81 66.45 -43.85
C VAL B 8 -45.00 65.97 -42.39
N SER B 9 -46.25 66.04 -41.87
CA SER B 9 -46.64 65.58 -40.54
C SER B 9 -46.42 64.07 -40.40
N ARG B 10 -46.75 63.29 -41.45
CA ARG B 10 -46.56 61.84 -41.48
C ARG B 10 -45.09 61.48 -41.63
N GLU B 11 -44.31 62.34 -42.33
CA GLU B 11 -42.88 62.14 -42.53
C GLU B 11 -42.15 62.34 -41.20
N VAL B 12 -42.43 63.46 -40.48
CA VAL B 12 -41.84 63.78 -39.16
C VAL B 12 -42.17 62.66 -38.15
N SER B 13 -43.44 62.21 -38.11
CA SER B 13 -43.90 61.12 -37.25
C SER B 13 -43.19 59.79 -37.56
N GLY B 14 -42.85 59.57 -38.83
CA GLY B 14 -42.13 58.40 -39.30
C GLY B 14 -40.68 58.47 -38.85
N ILE B 15 -40.07 59.66 -39.01
CA ILE B 15 -38.68 59.96 -38.61
C ILE B 15 -38.54 59.75 -37.09
N LYS B 16 -39.48 60.32 -36.32
CA LYS B 16 -39.53 60.20 -34.85
C LYS B 16 -39.63 58.73 -34.44
N ALA B 17 -40.62 57.98 -34.98
CA ALA B 17 -40.84 56.56 -34.71
C ALA B 17 -39.65 55.66 -35.09
N ALA B 18 -38.91 56.01 -36.17
CA ALA B 18 -37.74 55.24 -36.63
C ALA B 18 -36.57 55.40 -35.65
N TYR B 19 -36.32 56.65 -35.18
CA TYR B 19 -35.28 56.98 -34.21
C TYR B 19 -35.62 56.38 -32.85
N GLU B 20 -36.91 56.45 -32.47
CA GLU B 20 -37.47 55.87 -31.24
C GLU B 20 -37.35 54.34 -31.25
N ALA B 21 -37.51 53.71 -32.44
CA ALA B 21 -37.37 52.25 -32.61
C ALA B 21 -35.90 51.84 -32.50
N GLU B 22 -34.96 52.64 -33.07
CA GLU B 22 -33.50 52.40 -33.04
C GLU B 22 -32.95 52.48 -31.62
N LEU B 23 -33.52 53.36 -30.77
CA LEU B 23 -33.14 53.53 -29.37
C LEU B 23 -33.55 52.29 -28.56
N GLY B 24 -34.76 51.79 -28.79
CA GLY B 24 -35.29 50.59 -28.16
C GLY B 24 -34.50 49.34 -28.48
N ASP B 25 -34.03 49.24 -29.74
CA ASP B 25 -33.22 48.12 -30.21
C ASP B 25 -31.81 48.17 -29.65
N ALA B 26 -31.24 49.39 -29.51
CA ALA B 26 -29.89 49.59 -28.96
C ALA B 26 -29.83 49.23 -27.44
N ARG B 27 -30.92 49.54 -26.70
CA ARG B 27 -31.11 49.31 -25.27
C ARG B 27 -31.27 47.82 -25.01
N LYS B 28 -32.05 47.12 -25.87
CA LYS B 28 -32.25 45.67 -25.79
C LYS B 28 -30.97 44.90 -26.15
N THR B 29 -30.12 45.47 -27.02
CA THR B 29 -28.82 44.92 -27.38
C THR B 29 -27.88 45.10 -26.19
N LEU B 30 -27.93 46.27 -25.52
CA LEU B 30 -27.13 46.53 -24.32
C LEU B 30 -27.46 45.51 -23.21
N ASP B 31 -28.74 45.08 -23.14
CA ASP B 31 -29.19 44.08 -22.18
C ASP B 31 -28.60 42.70 -22.56
N SER B 32 -28.63 42.38 -23.86
CA SER B 32 -28.16 41.15 -24.45
C SER B 32 -26.68 40.87 -24.12
N VAL B 33 -25.82 41.90 -24.22
CA VAL B 33 -24.38 41.83 -23.94
C VAL B 33 -24.11 41.85 -22.41
N ALA B 34 -25.01 42.53 -21.63
CA ALA B 34 -24.94 42.59 -20.16
C ALA B 34 -25.23 41.21 -19.60
N LYS B 35 -26.04 40.41 -20.33
CA LYS B 35 -26.36 39.03 -19.96
C LYS B 35 -25.11 38.15 -20.13
N GLU B 36 -24.36 38.41 -21.21
CA GLU B 36 -23.14 37.66 -21.53
C GLU B 36 -21.99 37.97 -20.56
N ARG B 37 -21.91 39.22 -20.06
CA ARG B 37 -20.96 39.65 -19.04
C ARG B 37 -21.30 38.94 -17.72
N ALA B 38 -22.61 38.87 -17.39
CA ALA B 38 -23.13 38.21 -16.19
C ALA B 38 -22.87 36.71 -16.22
N ARG B 39 -22.99 36.07 -17.40
CA ARG B 39 -22.73 34.64 -17.60
C ARG B 39 -21.27 34.33 -17.28
N LEU B 40 -20.34 35.14 -17.83
CA LEU B 40 -18.89 35.02 -17.63
C LEU B 40 -18.47 35.28 -16.20
N GLN B 41 -19.07 36.29 -15.54
CA GLN B 41 -18.79 36.62 -14.14
C GLN B 41 -19.14 35.45 -13.24
N LEU B 42 -20.31 34.80 -13.48
CA LEU B 42 -20.78 33.62 -12.71
C LEU B 42 -19.89 32.41 -12.95
N GLU B 43 -19.56 32.13 -14.21
CA GLU B 43 -18.68 31.04 -14.63
C GLU B 43 -17.28 31.21 -14.03
N LEU B 44 -16.77 32.46 -13.97
CA LEU B 44 -15.47 32.81 -13.38
C LEU B 44 -15.50 32.60 -11.86
N SER B 45 -16.61 33.00 -11.22
CA SER B 45 -16.85 32.87 -9.78
C SER B 45 -16.87 31.40 -9.35
N LYS B 46 -17.45 30.53 -10.20
CA LYS B 46 -17.53 29.08 -10.01
C LYS B 46 -16.13 28.45 -10.01
N VAL B 47 -15.34 28.67 -11.10
CA VAL B 47 -14.00 28.12 -11.28
C VAL B 47 -13.02 28.60 -10.18
N ARG B 48 -13.08 29.90 -9.82
CA ARG B 48 -12.26 30.49 -8.76
C ARG B 48 -12.49 29.79 -7.44
N GLU B 49 -13.77 29.50 -7.11
CA GLU B 49 -14.18 28.81 -5.90
C GLU B 49 -13.69 27.35 -5.91
N GLU B 50 -13.82 26.65 -7.04
CA GLU B 50 -13.36 25.27 -7.24
C GLU B 50 -11.84 25.20 -7.07
N PHE B 51 -11.11 26.19 -7.63
CA PHE B 51 -9.65 26.31 -7.56
C PHE B 51 -9.20 26.53 -6.12
N LYS B 52 -9.87 27.44 -5.39
CA LYS B 52 -9.57 27.78 -3.99
C LYS B 52 -9.67 26.53 -3.12
N GLU B 53 -10.74 25.73 -3.30
CA GLU B 53 -10.99 24.48 -2.60
C GLU B 53 -9.95 23.41 -2.95
N LEU B 54 -9.60 23.27 -4.26
CA LEU B 54 -8.61 22.31 -4.73
C LEU B 54 -7.21 22.66 -4.23
N LYS B 55 -6.85 23.96 -4.25
CA LYS B 55 -5.55 24.43 -3.77
C LYS B 55 -5.39 24.12 -2.28
N ALA B 56 -6.46 24.28 -1.48
CA ALA B 56 -6.50 24.01 -0.04
C ALA B 56 -6.29 22.52 0.26
N ARG B 57 -6.95 21.65 -0.54
CA ARG B 57 -6.87 20.20 -0.46
C ARG B 57 -5.45 19.73 -0.81
N ASN B 58 -4.88 20.24 -1.93
CA ASN B 58 -3.56 19.93 -2.43
C ASN B 58 -2.44 20.35 -1.47
N THR B 59 -2.56 21.55 -0.86
CA THR B 59 -1.60 22.08 0.11
C THR B 59 -1.47 21.09 1.30
N LYS B 60 -2.61 20.57 1.77
CA LYS B 60 -2.69 19.61 2.85
C LYS B 60 -2.09 18.26 2.40
N LYS B 61 -2.45 17.77 1.19
CA LYS B 61 -1.95 16.50 0.64
C LYS B 61 -0.44 16.49 0.44
N GLU B 62 0.12 17.59 -0.09
CA GLU B 62 1.56 17.72 -0.34
C GLU B 62 2.37 17.71 0.94
N GLY B 63 1.88 18.40 1.97
CA GLY B 63 2.50 18.44 3.30
C GLY B 63 2.48 17.07 3.96
N ASP B 64 1.38 16.32 3.75
CA ASP B 64 1.17 14.96 4.23
C ASP B 64 2.12 14.02 3.49
N LEU B 65 2.35 14.27 2.19
CA LEU B 65 3.25 13.48 1.34
C LEU B 65 4.69 13.64 1.77
N ILE B 66 5.17 14.89 1.92
CA ILE B 66 6.53 15.20 2.37
C ILE B 66 6.84 14.45 3.70
N ALA B 67 5.89 14.53 4.67
CA ALA B 67 5.95 13.87 5.97
C ALA B 67 6.05 12.35 5.87
N ALA B 68 5.21 11.73 5.00
CA ALA B 68 5.20 10.28 4.74
C ALA B 68 6.54 9.83 4.15
N GLN B 69 7.09 10.61 3.18
CA GLN B 69 8.36 10.34 2.51
C GLN B 69 9.54 10.44 3.46
N ALA B 70 9.49 11.39 4.41
CA ALA B 70 10.52 11.59 5.42
C ALA B 70 10.50 10.41 6.40
N ARG B 71 9.29 9.98 6.82
CA ARG B 71 9.06 8.86 7.72
C ARG B 71 9.50 7.54 7.05
N LEU B 72 9.22 7.39 5.73
CA LEU B 72 9.61 6.21 4.95
C LEU B 72 11.11 6.02 4.94
N LYS B 73 11.85 7.11 4.63
CA LYS B 73 13.31 7.20 4.57
C LYS B 73 13.95 6.77 5.91
N ASP B 74 13.37 7.28 7.02
CA ASP B 74 13.79 6.99 8.39
C ASP B 74 13.50 5.54 8.74
N LEU B 75 12.34 5.01 8.31
CA LEU B 75 11.98 3.63 8.55
C LEU B 75 12.86 2.65 7.81
N GLU B 76 13.04 2.82 6.51
CA GLU B 76 13.88 1.94 5.68
C GLU B 76 15.29 1.77 6.24
N ALA B 77 15.86 2.89 6.77
CA ALA B 77 17.17 2.96 7.40
C ALA B 77 17.18 2.21 8.74
N LEU B 78 16.12 2.40 9.55
CA LEU B 78 15.94 1.77 10.86
C LEU B 78 15.73 0.27 10.72
N LEU B 79 14.97 -0.14 9.70
CA LEU B 79 14.68 -1.52 9.36
C LEU B 79 15.96 -2.28 9.01
N ASN B 80 16.88 -1.59 8.29
CA ASN B 80 18.19 -2.10 7.87
C ASN B 80 19.12 -2.29 9.07
N SER B 81 19.06 -1.35 10.05
CA SER B 81 19.81 -1.38 11.30
C SER B 81 19.34 -2.56 12.12
N LYS B 82 18.00 -2.73 12.25
CA LYS B 82 17.35 -3.80 12.99
C LYS B 82 17.70 -5.17 12.43
N GLU B 83 17.67 -5.32 11.09
CA GLU B 83 18.04 -6.56 10.44
C GLU B 83 19.52 -6.93 10.70
N ALA B 84 20.43 -5.92 10.70
CA ALA B 84 21.86 -6.11 10.99
C ALA B 84 22.03 -6.60 12.44
N ALA B 85 21.36 -5.91 13.40
CA ALA B 85 21.35 -6.22 14.83
C ALA B 85 20.83 -7.63 15.06
N LEU B 86 19.74 -8.02 14.36
CA LEU B 86 19.12 -9.33 14.41
C LEU B 86 20.06 -10.40 13.89
N SER B 87 20.70 -10.11 12.74
CA SER B 87 21.70 -10.98 12.09
C SER B 87 22.90 -11.26 13.00
N THR B 88 23.34 -10.23 13.76
CA THR B 88 24.44 -10.31 14.72
C THR B 88 24.04 -11.16 15.92
N ALA B 89 22.83 -10.90 16.49
CA ALA B 89 22.26 -11.59 17.64
C ALA B 89 22.11 -13.08 17.41
N LEU B 90 21.72 -13.48 16.19
CA LEU B 90 21.55 -14.90 15.83
C LEU B 90 22.87 -15.58 15.62
N SER B 91 23.85 -14.83 15.13
CA SER B 91 25.21 -15.29 14.91
C SER B 91 25.89 -15.54 16.25
N GLU B 92 25.74 -14.59 17.19
CA GLU B 92 26.29 -14.67 18.55
C GLU B 92 25.67 -15.82 19.34
N LYS B 93 24.35 -16.03 19.18
CA LYS B 93 23.57 -17.10 19.79
C LYS B 93 24.10 -18.48 19.32
N ARG B 94 24.40 -18.60 18.01
CA ARG B 94 24.92 -19.79 17.36
C ARG B 94 26.28 -20.19 17.95
N THR B 95 27.15 -19.19 18.23
CA THR B 95 28.47 -19.38 18.83
C THR B 95 28.29 -19.89 20.27
N LEU B 96 27.31 -19.32 21.01
CA LEU B 96 26.98 -19.70 22.38
C LEU B 96 26.54 -21.15 22.46
N GLU B 97 25.64 -21.56 21.54
CA GLU B 97 25.12 -22.93 21.45
C GLU B 97 26.24 -23.95 21.16
N GLY B 98 27.28 -23.50 20.45
CA GLY B 98 28.45 -24.28 20.10
C GLY B 98 29.36 -24.48 21.30
N GLU B 99 29.60 -23.40 22.08
CA GLU B 99 30.41 -23.41 23.31
C GLU B 99 29.72 -24.31 24.35
N LEU B 100 28.38 -24.20 24.44
CA LEU B 100 27.52 -24.95 25.34
C LEU B 100 27.58 -26.44 25.05
N HIS B 101 27.54 -26.82 23.76
CA HIS B 101 27.63 -28.19 23.29
C HIS B 101 28.99 -28.79 23.67
N ASP B 102 30.07 -28.01 23.48
CA ASP B 102 31.44 -28.38 23.82
C ASP B 102 31.61 -28.56 25.33
N LEU B 103 30.99 -27.69 26.14
CA LEU B 103 31.06 -27.78 27.61
C LEU B 103 30.29 -28.99 28.14
N ARG B 104 29.13 -29.31 27.54
CA ARG B 104 28.29 -30.46 27.92
C ARG B 104 29.00 -31.79 27.67
N GLY B 105 29.81 -31.86 26.61
CA GLY B 105 30.59 -33.03 26.26
C GLY B 105 31.73 -33.20 27.25
N GLN B 106 32.27 -32.06 27.74
CA GLN B 106 33.36 -32.02 28.72
C GLN B 106 32.88 -32.49 30.09
N VAL B 107 31.67 -32.06 30.54
CA VAL B 107 31.09 -32.49 31.82
C VAL B 107 30.89 -34.02 31.80
N ALA B 108 30.26 -34.56 30.73
CA ALA B 108 29.99 -35.99 30.53
C ALA B 108 31.27 -36.82 30.56
N LYS B 109 32.35 -36.32 29.92
CA LYS B 109 33.66 -36.96 29.84
C LYS B 109 34.35 -36.95 31.22
N LEU B 110 34.18 -35.85 31.99
CA LEU B 110 34.76 -35.72 33.33
C LEU B 110 34.01 -36.57 34.35
N GLU B 111 32.68 -36.71 34.20
CA GLU B 111 31.81 -37.51 35.07
C GLU B 111 32.11 -38.98 34.93
N ALA B 112 32.29 -39.46 33.68
CA ALA B 112 32.61 -40.84 33.36
C ALA B 112 34.00 -41.18 33.88
N ALA B 113 34.99 -40.27 33.71
CA ALA B 113 36.35 -40.43 34.18
C ALA B 113 36.41 -40.46 35.70
N LEU B 114 35.58 -39.64 36.38
CA LEU B 114 35.53 -39.58 37.84
C LEU B 114 34.93 -40.85 38.44
N GLY B 115 33.86 -41.33 37.82
CA GLY B 115 33.17 -42.56 38.22
C GLY B 115 34.06 -43.78 38.12
N GLU B 116 34.87 -43.86 37.04
CA GLU B 116 35.80 -44.95 36.80
C GLU B 116 37.03 -44.86 37.71
N ALA B 117 37.51 -43.64 38.03
CA ALA B 117 38.63 -43.44 38.96
C ALA B 117 38.24 -43.87 40.37
N LYS B 118 36.97 -43.60 40.77
CA LYS B 118 36.42 -43.97 42.07
C LYS B 118 36.20 -45.49 42.18
N LYS B 119 35.77 -46.13 41.06
CA LYS B 119 35.54 -47.57 40.96
C LYS B 119 36.84 -48.32 41.11
N GLN B 120 37.94 -47.81 40.51
CA GLN B 120 39.27 -48.40 40.58
C GLN B 120 39.88 -48.23 41.96
N LEU B 121 39.59 -47.11 42.65
CA LEU B 121 40.06 -46.83 44.01
C LEU B 121 39.42 -47.83 44.98
N GLN B 122 38.12 -48.09 44.79
CA GLN B 122 37.30 -49.01 45.58
C GLN B 122 37.88 -50.43 45.55
N ASP B 123 38.16 -50.96 44.34
CA ASP B 123 38.75 -52.28 44.12
C ASP B 123 40.18 -52.39 44.67
N GLU B 124 41.00 -51.31 44.53
CA GLU B 124 42.37 -51.27 45.03
C GLU B 124 42.45 -51.26 46.55
N MET B 125 41.52 -50.52 47.19
CA MET B 125 41.45 -50.45 48.64
C MET B 125 41.14 -51.82 49.23
N LEU B 126 40.30 -52.61 48.55
CA LEU B 126 39.92 -53.97 48.95
C LEU B 126 41.12 -54.90 48.88
N ARG B 127 41.86 -54.86 47.76
CA ARG B 127 43.06 -55.68 47.52
C ARG B 127 44.12 -55.39 48.57
N ARG B 128 44.29 -54.09 48.94
CA ARG B 128 45.24 -53.65 49.97
C ARG B 128 44.83 -54.18 51.34
N VAL B 129 43.55 -53.98 51.73
CA VAL B 129 42.98 -54.44 53.00
C VAL B 129 43.14 -55.96 53.12
N ASP B 130 42.77 -56.70 52.06
CA ASP B 130 42.87 -58.16 51.97
C ASP B 130 44.32 -58.63 52.11
N ALA B 131 45.26 -58.01 51.37
CA ALA B 131 46.68 -58.35 51.43
C ALA B 131 47.28 -58.07 52.82
N GLU B 132 46.87 -56.95 53.47
CA GLU B 132 47.33 -56.57 54.80
C GLU B 132 46.77 -57.49 55.89
N ASN B 133 45.54 -58.01 55.68
CA ASN B 133 44.90 -58.94 56.61
C ASN B 133 45.57 -60.32 56.52
N ARG B 134 45.82 -60.80 55.28
CA ARG B 134 46.47 -62.08 55.00
C ARG B 134 47.91 -62.09 55.50
N LEU B 135 48.55 -60.91 55.54
CA LEU B 135 49.92 -60.71 55.99
C LEU B 135 50.01 -60.84 57.50
N GLN B 136 49.06 -60.21 58.24
CA GLN B 136 48.96 -60.25 59.71
C GLN B 136 48.72 -61.70 60.18
N THR B 137 47.89 -62.45 59.42
CA THR B 137 47.57 -63.85 59.69
C THR B 137 48.81 -64.73 59.43
N MET B 138 49.57 -64.40 58.36
CA MET B 138 50.79 -65.10 57.96
C MET B 138 51.91 -64.85 58.97
N LYS B 139 51.98 -63.63 59.55
CA LYS B 139 52.95 -63.25 60.57
C LYS B 139 52.64 -64.05 61.84
N GLU B 140 51.34 -64.17 62.19
CA GLU B 140 50.84 -64.91 63.33
C GLU B 140 51.10 -66.42 63.19
N GLU B 141 51.06 -66.93 61.95
CA GLU B 141 51.31 -68.35 61.66
C GLU B 141 52.81 -68.66 61.80
N LEU B 142 53.69 -67.74 61.32
CA LEU B 142 55.15 -67.85 61.38
C LEU B 142 55.66 -67.88 62.82
N ASP B 143 55.10 -67.02 63.72
CA ASP B 143 55.48 -66.98 65.14
C ASP B 143 55.05 -68.27 65.84
N PHE B 144 53.88 -68.83 65.48
CA PHE B 144 53.36 -70.09 66.02
C PHE B 144 54.23 -71.27 65.54
N GLN B 145 54.69 -71.22 64.27
CA GLN B 145 55.51 -72.25 63.63
C GLN B 145 56.94 -72.28 64.19
N LYS B 146 57.46 -71.11 64.59
CA LYS B 146 58.78 -70.93 65.19
C LYS B 146 58.75 -71.34 66.67
N ASN B 147 57.57 -71.17 67.34
CA ASN B 147 57.39 -71.55 68.73
C ASN B 147 57.22 -73.06 68.92
N ILE B 148 56.53 -73.73 67.97
CA ILE B 148 56.33 -75.19 67.95
C ILE B 148 57.65 -75.88 67.55
N TYR B 149 58.52 -75.18 66.78
CA TYR B 149 59.84 -75.62 66.35
C TYR B 149 60.75 -75.73 67.57
N SER B 150 60.73 -74.70 68.45
CA SER B 150 61.52 -74.60 69.68
C SER B 150 61.01 -75.54 70.79
N GLU B 151 59.69 -75.80 70.83
CA GLU B 151 59.05 -76.68 71.81
C GLU B 151 59.24 -78.18 71.47
N GLU B 152 59.31 -78.52 70.16
CA GLU B 152 59.54 -79.89 69.69
C GLU B 152 61.03 -80.25 69.78
N LEU B 153 61.93 -79.27 69.52
CA LEU B 153 63.39 -79.46 69.62
C LEU B 153 63.87 -79.55 71.07
N ARG B 154 63.04 -79.07 72.02
CA ARG B 154 63.29 -79.08 73.46
C ARG B 154 63.41 -80.54 73.94
N GLU B 155 62.35 -81.35 73.73
CA GLU B 155 62.27 -82.76 74.10
C GLU B 155 62.94 -83.66 73.06
N SER C 13 -69.12 78.36 -68.07
CA SER C 13 -69.63 77.11 -68.62
C SER C 13 -68.54 76.29 -69.32
N GLY C 14 -67.63 76.97 -70.03
CA GLY C 14 -66.52 76.35 -70.75
C GLY C 14 -65.36 75.99 -69.84
N ILE C 15 -64.82 77.02 -69.12
CA ILE C 15 -63.72 76.86 -68.15
C ILE C 15 -64.21 76.07 -66.91
N LYS C 16 -65.53 76.16 -66.62
CA LYS C 16 -66.27 75.50 -65.53
C LYS C 16 -66.09 73.97 -65.62
N ALA C 17 -66.32 73.38 -66.80
CA ALA C 17 -66.19 71.95 -67.05
C ALA C 17 -64.73 71.49 -67.18
N ALA C 18 -63.85 72.36 -67.71
CA ALA C 18 -62.43 72.08 -67.93
C ALA C 18 -61.64 71.92 -66.63
N TYR C 19 -61.87 72.80 -65.63
CA TYR C 19 -61.16 72.74 -64.35
C TYR C 19 -61.73 71.67 -63.40
N GLU C 20 -63.07 71.47 -63.39
CA GLU C 20 -63.74 70.47 -62.53
C GLU C 20 -63.40 69.04 -62.95
N ALA C 21 -63.01 68.85 -64.23
CA ALA C 21 -62.61 67.56 -64.77
C ALA C 21 -61.19 67.28 -64.29
N GLU C 22 -60.27 68.27 -64.42
CA GLU C 22 -58.87 68.16 -63.99
C GLU C 22 -58.72 68.03 -62.47
N LEU C 23 -59.49 68.85 -61.71
CA LEU C 23 -59.51 68.82 -60.23
C LEU C 23 -60.17 67.53 -59.74
N GLY C 24 -61.20 67.08 -60.47
CA GLY C 24 -61.91 65.83 -60.20
C GLY C 24 -61.04 64.61 -60.41
N ASP C 25 -60.13 64.69 -61.40
CA ASP C 25 -59.18 63.62 -61.73
C ASP C 25 -58.00 63.64 -60.75
N ALA C 26 -57.67 64.82 -60.21
CA ALA C 26 -56.61 65.00 -59.21
C ALA C 26 -57.07 64.41 -57.87
N ARG C 27 -58.39 64.48 -57.57
CA ARG C 27 -59.02 63.95 -56.35
C ARG C 27 -59.20 62.43 -56.47
N LYS C 28 -59.52 61.94 -57.69
CA LYS C 28 -59.68 60.51 -57.97
C LYS C 28 -58.34 59.78 -57.79
N THR C 29 -57.22 60.48 -58.07
CA THR C 29 -55.85 59.97 -57.91
C THR C 29 -55.42 60.04 -56.45
N LEU C 30 -55.67 61.19 -55.77
CA LEU C 30 -55.30 61.36 -54.35
C LEU C 30 -55.84 60.21 -53.51
N ASP C 31 -57.14 59.87 -53.71
CA ASP C 31 -57.82 58.76 -53.03
C ASP C 31 -57.22 57.41 -53.41
N SER C 32 -56.78 57.24 -54.67
CA SER C 32 -56.13 56.00 -55.14
C SER C 32 -54.83 55.76 -54.36
N VAL C 33 -53.96 56.80 -54.27
CA VAL C 33 -52.68 56.77 -53.55
C VAL C 33 -52.91 56.58 -52.03
N ALA C 34 -53.96 57.22 -51.48
CA ALA C 34 -54.33 57.16 -50.05
C ALA C 34 -54.58 55.73 -49.55
N LYS C 35 -55.25 54.89 -50.38
CA LYS C 35 -55.54 53.49 -50.04
C LYS C 35 -54.25 52.68 -50.04
N GLU C 36 -53.46 52.79 -51.12
CA GLU C 36 -52.16 52.15 -51.30
C GLU C 36 -51.19 52.50 -50.16
N ARG C 37 -51.18 53.77 -49.71
CA ARG C 37 -50.35 54.25 -48.60
C ARG C 37 -50.82 53.64 -47.29
N ALA C 38 -52.14 53.63 -47.04
CA ALA C 38 -52.71 53.01 -45.84
C ALA C 38 -52.38 51.52 -45.79
N ARG C 39 -52.43 50.83 -46.95
CA ARG C 39 -52.12 49.41 -47.11
C ARG C 39 -50.66 49.17 -46.73
N LEU C 40 -49.73 49.99 -47.28
CA LEU C 40 -48.28 49.93 -47.04
C LEU C 40 -47.94 50.23 -45.59
N GLN C 41 -48.60 51.23 -44.97
CA GLN C 41 -48.38 51.62 -43.57
C GLN C 41 -48.73 50.45 -42.64
N LEU C 42 -49.87 49.78 -42.90
CA LEU C 42 -50.33 48.62 -42.12
C LEU C 42 -49.40 47.42 -42.30
N GLU C 43 -49.04 47.12 -43.55
CA GLU C 43 -48.14 46.02 -43.93
C GLU C 43 -46.76 46.23 -43.29
N LEU C 44 -46.29 47.49 -43.25
CA LEU C 44 -45.01 47.87 -42.64
C LEU C 44 -45.06 47.70 -41.12
N SER C 45 -46.18 48.10 -40.50
CA SER C 45 -46.45 47.97 -39.07
C SER C 45 -46.44 46.50 -38.62
N LYS C 46 -47.00 45.61 -39.47
CA LYS C 46 -47.08 44.17 -39.25
C LYS C 46 -45.69 43.55 -39.22
N VAL C 47 -44.88 43.77 -40.30
CA VAL C 47 -43.53 43.22 -40.46
C VAL C 47 -42.59 43.73 -39.35
N ARG C 48 -42.64 45.05 -39.01
CA ARG C 48 -41.83 45.67 -37.95
C ARG C 48 -42.05 44.97 -36.60
N GLU C 49 -43.33 44.71 -36.28
CA GLU C 49 -43.77 44.05 -35.06
C GLU C 49 -43.28 42.59 -35.03
N GLU C 50 -43.40 41.87 -36.17
CA GLU C 50 -42.96 40.49 -36.33
C GLU C 50 -41.43 40.40 -36.19
N PHE C 51 -40.72 41.39 -36.78
CA PHE C 51 -39.26 41.46 -36.74
C PHE C 51 -38.75 41.67 -35.32
N LYS C 52 -39.37 42.60 -34.58
CA LYS C 52 -39.02 42.92 -33.20
C LYS C 52 -39.09 41.67 -32.31
N GLU C 53 -40.20 40.87 -32.47
CA GLU C 53 -40.48 39.62 -31.76
C GLU C 53 -39.48 38.54 -32.16
N LEU C 54 -39.19 38.41 -33.49
CA LEU C 54 -38.24 37.41 -34.00
C LEU C 54 -36.81 37.71 -33.58
N LYS C 55 -36.42 39.00 -33.60
CA LYS C 55 -35.08 39.42 -33.18
C LYS C 55 -34.86 39.10 -31.70
N ALA C 56 -35.89 39.30 -30.85
CA ALA C 56 -35.87 39.03 -29.42
C ALA C 56 -35.71 37.54 -29.15
N ARG C 57 -36.43 36.70 -29.91
CA ARG C 57 -36.40 35.23 -29.83
C ARG C 57 -35.02 34.71 -30.24
N ASN C 58 -34.49 35.21 -31.38
CA ASN C 58 -33.17 34.84 -31.94
C ASN C 58 -32.02 35.21 -31.03
N THR C 59 -32.06 36.42 -30.42
CA THR C 59 -31.03 36.91 -29.49
C THR C 59 -30.90 35.95 -28.31
N LYS C 60 -32.05 35.48 -27.79
CA LYS C 60 -32.13 34.53 -26.68
C LYS C 60 -31.59 33.16 -27.14
N LYS C 61 -32.02 32.66 -28.33
CA LYS C 61 -31.60 31.37 -28.87
C LYS C 61 -30.10 31.29 -29.15
N GLU C 62 -29.53 32.36 -29.73
CA GLU C 62 -28.10 32.40 -30.04
C GLU C 62 -27.22 32.38 -28.80
N GLY C 63 -27.62 33.13 -27.77
CA GLY C 63 -26.94 33.19 -26.48
C GLY C 63 -27.00 31.85 -25.77
N ASP C 64 -28.15 31.15 -25.91
CA ASP C 64 -28.40 29.81 -25.37
C ASP C 64 -27.53 28.82 -26.11
N LEU C 65 -27.36 29.00 -27.44
CA LEU C 65 -26.54 28.13 -28.28
C LEU C 65 -25.07 28.22 -27.91
N ILE C 66 -24.52 29.45 -27.84
CA ILE C 66 -23.12 29.69 -27.47
C ILE C 66 -22.79 28.98 -26.14
N ALA C 67 -23.67 29.17 -25.12
CA ALA C 67 -23.58 28.59 -23.79
C ALA C 67 -23.61 27.06 -23.83
N ALA C 68 -24.52 26.45 -24.62
CA ALA C 68 -24.66 25.00 -24.80
C ALA C 68 -23.39 24.42 -25.43
N GLN C 69 -22.82 25.11 -26.45
CA GLN C 69 -21.60 24.70 -27.15
C GLN C 69 -20.38 24.73 -26.23
N ALA C 70 -20.31 25.74 -25.34
CA ALA C 70 -19.24 25.90 -24.35
C ALA C 70 -19.34 24.77 -23.31
N ARG C 71 -20.58 24.48 -22.83
CA ARG C 71 -20.87 23.42 -21.87
C ARG C 71 -20.56 22.05 -22.48
N LEU C 72 -20.89 21.84 -23.77
CA LEU C 72 -20.63 20.59 -24.49
C LEU C 72 -19.14 20.28 -24.52
N LYS C 73 -18.32 21.29 -24.91
CA LYS C 73 -16.86 21.27 -25.00
C LYS C 73 -16.23 20.86 -23.66
N ASP C 74 -16.74 21.46 -22.55
CA ASP C 74 -16.33 21.17 -21.18
C ASP C 74 -16.71 19.75 -20.76
N LEU C 75 -17.93 19.28 -21.13
CA LEU C 75 -18.40 17.93 -20.79
C LEU C 75 -17.70 16.82 -21.56
N GLU C 76 -17.41 17.02 -22.86
CA GLU C 76 -16.68 16.05 -23.70
C GLU C 76 -15.23 15.83 -23.23
N ALA C 77 -14.60 16.92 -22.72
CA ALA C 77 -13.26 16.93 -22.15
C ALA C 77 -13.23 16.16 -20.81
N LEU C 78 -14.25 16.38 -19.97
CA LEU C 78 -14.42 15.75 -18.66
C LEU C 78 -14.71 14.24 -18.82
N LEU C 79 -15.51 13.89 -19.83
CA LEU C 79 -15.86 12.52 -20.18
C LEU C 79 -14.61 11.73 -20.58
N ASN C 80 -13.69 12.38 -21.32
CA ASN C 80 -12.42 11.84 -21.79
C ASN C 80 -11.48 11.58 -20.61
N SER C 81 -11.48 12.50 -19.61
CA SER C 81 -10.68 12.39 -18.38
C SER C 81 -11.18 11.21 -17.58
N LYS C 82 -12.52 11.10 -17.42
CA LYS C 82 -13.21 10.03 -16.67
C LYS C 82 -12.93 8.66 -17.29
N GLU C 83 -13.00 8.57 -18.64
CA GLU C 83 -12.70 7.32 -19.37
C GLU C 83 -11.25 6.88 -19.16
N ALA C 84 -10.29 7.84 -19.15
CA ALA C 84 -8.86 7.59 -18.91
C ALA C 84 -8.66 7.04 -17.49
N ALA C 85 -9.28 7.70 -16.48
CA ALA C 85 -9.25 7.35 -15.08
C ALA C 85 -9.82 5.95 -14.88
N LEU C 86 -10.95 5.65 -15.57
CA LEU C 86 -11.64 4.35 -15.55
C LEU C 86 -10.75 3.28 -16.13
N SER C 87 -10.12 3.57 -17.29
CA SER C 87 -9.19 2.68 -18.00
C SER C 87 -7.97 2.30 -17.12
N THR C 88 -7.47 3.28 -16.34
CA THR C 88 -6.35 3.13 -15.42
C THR C 88 -6.77 2.25 -14.24
N ALA C 89 -7.92 2.58 -13.62
CA ALA C 89 -8.49 1.88 -12.47
C ALA C 89 -8.72 0.41 -12.75
N LEU C 90 -9.19 0.05 -13.97
CA LEU C 90 -9.46 -1.33 -14.35
C LEU C 90 -8.18 -2.08 -14.61
N SER C 91 -7.17 -1.37 -15.13
CA SER C 91 -5.85 -1.91 -15.43
C SER C 91 -5.15 -2.25 -14.12
N GLU C 92 -5.19 -1.31 -13.15
CA GLU C 92 -4.60 -1.45 -11.82
C GLU C 92 -5.28 -2.58 -11.04
N LYS C 93 -6.61 -2.71 -11.15
CA LYS C 93 -7.44 -3.74 -10.52
C LYS C 93 -7.00 -5.14 -11.02
N ARG C 94 -6.77 -5.25 -12.35
CA ARG C 94 -6.35 -6.49 -13.03
C ARG C 94 -5.00 -6.97 -12.51
N THR C 95 -4.06 -6.02 -12.27
CA THR C 95 -2.73 -6.30 -11.73
C THR C 95 -2.87 -6.80 -10.29
N LEU C 96 -3.78 -6.19 -9.49
CA LEU C 96 -4.05 -6.57 -8.10
C LEU C 96 -4.60 -7.99 -8.01
N GLU C 97 -5.56 -8.34 -8.89
CA GLU C 97 -6.16 -9.67 -8.95
C GLU C 97 -5.13 -10.75 -9.31
N GLY C 98 -4.11 -10.35 -10.08
CA GLY C 98 -3.00 -11.20 -10.50
C GLY C 98 -2.04 -11.44 -9.36
N GLU C 99 -1.72 -10.38 -8.57
CA GLU C 99 -0.83 -10.44 -7.40
C GLU C 99 -1.49 -11.31 -6.32
N LEU C 100 -2.82 -11.16 -6.16
CA LEU C 100 -3.66 -11.88 -5.22
C LEU C 100 -3.67 -13.37 -5.53
N HIS C 101 -3.80 -13.73 -6.82
CA HIS C 101 -3.78 -15.10 -7.31
C HIS C 101 -2.42 -15.76 -7.01
N ASP C 102 -1.33 -15.00 -7.24
CA ASP C 102 0.05 -15.41 -6.99
C ASP C 102 0.31 -15.62 -5.49
N LEU C 103 -0.24 -14.73 -4.63
CA LEU C 103 -0.10 -14.85 -3.18
C LEU C 103 -0.87 -16.03 -2.61
N ARG C 104 -2.07 -16.34 -3.16
CA ARG C 104 -2.90 -17.47 -2.75
C ARG C 104 -2.22 -18.81 -3.03
N GLY C 105 -1.49 -18.88 -4.14
CA GLY C 105 -0.73 -20.05 -4.55
C GLY C 105 0.46 -20.25 -3.63
N GLN C 106 1.06 -19.12 -3.17
CA GLN C 106 2.18 -19.09 -2.24
C GLN C 106 1.77 -19.57 -0.85
N VAL C 107 0.59 -19.16 -0.35
CA VAL C 107 0.09 -19.60 0.96
C VAL C 107 -0.12 -21.12 0.95
N ALA C 108 -0.81 -21.64 -0.08
CA ALA C 108 -1.09 -23.07 -0.28
C ALA C 108 0.20 -23.92 -0.35
N LYS C 109 1.24 -23.39 -1.04
CA LYS C 109 2.55 -24.02 -1.21
C LYS C 109 3.35 -24.00 0.12
N LEU C 110 3.19 -22.92 0.91
CA LEU C 110 3.85 -22.80 2.21
C LEU C 110 3.17 -23.68 3.27
N GLU C 111 1.82 -23.85 3.17
CA GLU C 111 1.02 -24.67 4.08
C GLU C 111 1.35 -26.15 3.90
N ALA C 112 1.51 -26.60 2.64
CA ALA C 112 1.87 -27.97 2.29
C ALA C 112 3.29 -28.28 2.76
N ALA C 113 4.23 -27.33 2.56
CA ALA C 113 5.62 -27.44 2.98
C ALA C 113 5.73 -27.45 4.51
N LEU C 114 4.89 -26.67 5.21
CA LEU C 114 4.87 -26.61 6.68
C LEU C 114 4.31 -27.90 7.28
N GLY C 115 3.26 -28.45 6.67
CA GLY C 115 2.64 -29.71 7.07
C GLY C 115 3.59 -30.88 6.98
N GLU C 116 4.39 -30.92 5.88
CA GLU C 116 5.38 -31.97 5.64
C GLU C 116 6.62 -31.81 6.55
N ALA C 117 7.01 -30.55 6.87
CA ALA C 117 8.14 -30.27 7.77
C ALA C 117 7.78 -30.69 9.19
N LYS C 118 6.50 -30.51 9.58
CA LYS C 118 5.98 -30.88 10.90
C LYS C 118 5.87 -32.40 11.04
N LYS C 119 5.48 -33.09 9.94
CA LYS C 119 5.36 -34.55 9.87
C LYS C 119 6.73 -35.20 10.04
N GLN C 120 7.78 -34.63 9.42
CA GLN C 120 9.15 -35.11 9.50
C GLN C 120 9.75 -34.86 10.88
N LEU C 121 9.37 -33.75 11.53
CA LEU C 121 9.84 -33.38 12.87
C LEU C 121 9.26 -34.35 13.89
N GLN C 122 7.97 -34.70 13.71
CA GLN C 122 7.20 -35.63 14.54
C GLN C 122 7.88 -37.01 14.57
N ASP C 123 8.20 -37.58 13.39
CA ASP C 123 8.87 -38.87 13.23
C ASP C 123 10.29 -38.85 13.79
N GLU C 124 11.04 -37.74 13.61
CA GLU C 124 12.41 -37.59 14.11
C GLU C 124 12.47 -37.50 15.62
N MET C 125 11.50 -36.80 16.24
CA MET C 125 11.43 -36.66 17.69
C MET C 125 11.21 -38.02 18.34
N LEU C 126 10.41 -38.89 17.69
CA LEU C 126 10.12 -40.23 18.15
C LEU C 126 11.37 -41.11 18.11
N ARG C 127 12.11 -41.07 16.98
CA ARG C 127 13.35 -41.82 16.77
C ARG C 127 14.41 -41.40 17.79
N ARG C 128 14.50 -40.08 18.10
CA ARG C 128 15.43 -39.54 19.10
C ARG C 128 15.06 -40.04 20.51
N VAL C 129 13.77 -39.93 20.90
CA VAL C 129 13.23 -40.39 22.19
C VAL C 129 13.50 -41.88 22.35
N ASP C 130 13.18 -42.67 21.30
CA ASP C 130 13.38 -44.13 21.26
C ASP C 130 14.86 -44.48 21.40
N ALA C 131 15.76 -43.82 20.65
CA ALA C 131 17.20 -44.06 20.72
C ALA C 131 17.78 -43.70 22.10
N GLU C 132 17.29 -42.60 22.71
CA GLU C 132 17.71 -42.15 24.05
C GLU C 132 17.19 -43.07 25.16
N ASN C 133 16.01 -43.68 24.95
CA ASN C 133 15.40 -44.62 25.90
C ASN C 133 16.16 -45.95 25.84
N ARG C 134 16.47 -46.44 24.61
CA ARG C 134 17.21 -47.69 24.37
C ARG C 134 18.65 -47.59 24.90
N LEU C 135 19.20 -46.36 24.93
CA LEU C 135 20.55 -46.07 25.43
C LEU C 135 20.58 -46.16 26.97
N GLN C 136 19.58 -45.58 27.65
CA GLN C 136 19.42 -45.61 29.11
C GLN C 136 19.22 -47.06 29.58
N THR C 137 18.47 -47.87 28.81
CA THR C 137 18.21 -49.28 29.07
C THR C 137 19.51 -50.08 28.87
N MET C 138 20.33 -49.72 27.85
CA MET C 138 21.61 -50.36 27.54
C MET C 138 22.65 -50.05 28.62
N LYS C 139 22.61 -48.83 29.19
CA LYS C 139 23.48 -48.40 30.28
C LYS C 139 23.11 -49.20 31.54
N GLU C 140 21.79 -49.38 31.77
CA GLU C 140 21.23 -50.14 32.89
C GLU C 140 21.54 -51.63 32.78
N GLU C 141 21.65 -52.16 31.54
CA GLU C 141 21.97 -53.57 31.28
C GLU C 141 23.46 -53.81 31.59
N LEU C 142 24.35 -52.87 31.20
CA LEU C 142 25.80 -52.92 31.41
C LEU C 142 26.16 -52.89 32.91
N ASP C 143 25.49 -52.02 33.70
CA ASP C 143 25.71 -51.91 35.16
C ASP C 143 25.23 -53.17 35.87
N PHE C 144 24.14 -53.78 35.37
CA PHE C 144 23.57 -55.01 35.93
C PHE C 144 24.40 -56.25 35.56
N GLN C 145 25.12 -56.19 34.42
CA GLN C 145 26.00 -57.26 33.94
C GLN C 145 27.34 -57.22 34.71
N LYS C 146 27.79 -56.00 35.08
CA LYS C 146 29.02 -55.75 35.84
C LYS C 146 28.79 -56.05 37.34
N ASN C 147 27.56 -55.88 37.84
CA ASN C 147 27.18 -56.16 39.23
C ASN C 147 27.02 -57.66 39.50
N ILE C 148 26.45 -58.42 38.54
CA ILE C 148 26.28 -59.88 38.63
C ILE C 148 27.68 -60.55 38.46
N TYR C 149 28.59 -59.89 37.70
CA TYR C 149 29.99 -60.32 37.49
C TYR C 149 30.74 -60.32 38.82
N SER C 150 30.68 -59.19 39.57
CA SER C 150 31.31 -59.04 40.88
C SER C 150 30.64 -59.91 41.95
N GLU C 151 29.33 -60.22 41.78
CA GLU C 151 28.52 -61.04 42.69
C GLU C 151 28.84 -62.52 42.52
N GLU C 152 29.03 -62.97 41.26
CA GLU C 152 29.33 -64.37 40.93
C GLU C 152 30.81 -64.70 41.21
N LEU C 153 31.75 -63.79 40.84
CA LEU C 153 33.19 -63.95 41.03
C LEU C 153 33.61 -63.90 42.52
N ARG C 154 32.85 -63.18 43.36
CA ARG C 154 33.09 -63.05 44.81
C ARG C 154 32.81 -64.37 45.53
N GLU C 155 31.82 -65.14 45.03
CA GLU C 155 31.46 -66.45 45.57
C GLU C 155 32.50 -67.49 45.11
N THR C 156 33.04 -67.31 43.87
CA THR C 156 34.05 -68.16 43.25
C THR C 156 35.43 -68.04 43.95
N LYS C 157 35.86 -66.80 44.28
CA LYS C 157 37.14 -66.50 44.94
C LYS C 157 37.26 -67.08 46.36
N ARG C 158 36.39 -66.64 47.31
CA ARG C 158 36.42 -67.10 48.70
C ARG C 158 35.00 -67.11 49.30
N ALA D 17 -57.17 83.03 -64.51
CA ALA D 17 -55.74 82.94 -64.23
C ALA D 17 -55.42 82.19 -62.94
N ALA D 18 -56.37 82.16 -61.98
CA ALA D 18 -56.25 81.50 -60.67
C ALA D 18 -56.35 79.97 -60.73
N TYR D 19 -56.99 79.41 -61.78
CA TYR D 19 -57.16 77.96 -62.00
C TYR D 19 -55.82 77.27 -62.28
N GLU D 20 -54.79 78.05 -62.66
CA GLU D 20 -53.42 77.61 -62.94
C GLU D 20 -52.66 77.45 -61.62
N ALA D 21 -52.96 78.33 -60.63
CA ALA D 21 -52.34 78.32 -59.30
C ALA D 21 -52.83 77.11 -58.47
N GLU D 22 -54.15 76.80 -58.55
CA GLU D 22 -54.80 75.68 -57.84
C GLU D 22 -54.42 74.33 -58.43
N LEU D 23 -54.42 74.19 -59.77
CA LEU D 23 -54.04 72.94 -60.45
C LEU D 23 -52.56 72.64 -60.26
N GLY D 24 -51.74 73.69 -60.22
CA GLY D 24 -50.30 73.60 -59.98
C GLY D 24 -50.02 73.09 -58.58
N ASP D 25 -50.83 73.54 -57.59
CA ASP D 25 -50.74 73.11 -56.19
C ASP D 25 -51.27 71.67 -56.03
N ALA D 26 -52.25 71.28 -56.88
CA ALA D 26 -52.82 69.93 -56.91
C ALA D 26 -51.78 68.98 -57.51
N ARG D 27 -50.99 69.47 -58.47
CA ARG D 27 -49.91 68.74 -59.15
C ARG D 27 -48.75 68.49 -58.19
N LYS D 28 -48.46 69.50 -57.32
CA LYS D 28 -47.41 69.50 -56.30
C LYS D 28 -47.70 68.47 -55.20
N THR D 29 -48.99 68.35 -54.80
CA THR D 29 -49.48 67.43 -53.77
C THR D 29 -49.50 66.00 -54.32
N LEU D 30 -49.70 65.86 -55.64
CA LEU D 30 -49.68 64.55 -56.27
C LEU D 30 -48.29 63.95 -56.23
N ASP D 31 -47.24 64.78 -56.45
CA ASP D 31 -45.83 64.36 -56.40
C ASP D 31 -45.38 64.07 -54.96
N SER D 32 -46.00 64.77 -53.99
CA SER D 32 -45.77 64.64 -52.55
C SER D 32 -46.20 63.25 -52.08
N VAL D 33 -47.44 62.83 -52.44
CA VAL D 33 -47.98 61.52 -52.07
C VAL D 33 -47.34 60.39 -52.90
N ALA D 34 -46.84 60.71 -54.12
CA ALA D 34 -46.13 59.76 -55.00
C ALA D 34 -44.74 59.45 -54.42
N LYS D 35 -44.13 60.44 -53.74
CA LYS D 35 -42.85 60.31 -53.07
C LYS D 35 -43.05 59.47 -51.80
N GLU D 36 -44.14 59.75 -51.04
CA GLU D 36 -44.46 59.03 -49.81
C GLU D 36 -44.78 57.55 -50.08
N ARG D 37 -45.49 57.24 -51.18
CA ARG D 37 -45.82 55.88 -51.60
C ARG D 37 -44.52 55.13 -51.89
N ALA D 38 -43.59 55.79 -52.62
CA ALA D 38 -42.29 55.26 -53.00
C ALA D 38 -41.42 55.02 -51.77
N ARG D 39 -41.46 55.94 -50.78
CA ARG D 39 -40.69 55.83 -49.53
C ARG D 39 -41.13 54.59 -48.78
N LEU D 40 -42.46 54.40 -48.61
CA LEU D 40 -43.08 53.27 -47.91
C LEU D 40 -42.81 51.95 -48.59
N GLN D 41 -42.87 51.91 -49.94
CA GLN D 41 -42.59 50.71 -50.73
C GLN D 41 -41.15 50.24 -50.50
N LEU D 42 -40.18 51.18 -50.51
CA LEU D 42 -38.75 50.89 -50.30
C LEU D 42 -38.50 50.44 -48.88
N GLU D 43 -39.07 51.15 -47.88
CA GLU D 43 -38.97 50.85 -46.45
C GLU D 43 -39.53 49.47 -46.15
N LEU D 44 -40.65 49.10 -46.80
CA LEU D 44 -41.30 47.80 -46.68
C LEU D 44 -40.43 46.70 -47.29
N SER D 45 -39.83 46.97 -48.46
CA SER D 45 -38.94 46.07 -49.18
C SER D 45 -37.68 45.73 -48.34
N LYS D 46 -37.16 46.73 -47.62
CA LYS D 46 -36.01 46.63 -46.74
C LYS D 46 -36.29 45.69 -45.57
N VAL D 47 -37.36 45.98 -44.80
CA VAL D 47 -37.77 45.22 -43.61
C VAL D 47 -38.14 43.75 -43.96
N ARG D 48 -38.86 43.52 -45.09
CA ARG D 48 -39.24 42.18 -45.56
C ARG D 48 -37.99 41.34 -45.82
N GLU D 49 -36.97 41.95 -46.47
CA GLU D 49 -35.70 41.31 -46.79
C GLU D 49 -34.93 40.98 -45.52
N GLU D 50 -34.89 41.92 -44.54
CA GLU D 50 -34.22 41.75 -43.25
C GLU D 50 -34.88 40.62 -42.46
N PHE D 51 -36.23 40.57 -42.49
CA PHE D 51 -37.02 39.54 -41.82
C PHE D 51 -36.74 38.16 -42.41
N LYS D 52 -36.72 38.05 -43.75
CA LYS D 52 -36.48 36.82 -44.49
C LYS D 52 -35.12 36.22 -44.10
N GLU D 53 -34.09 37.08 -44.05
CA GLU D 53 -32.73 36.74 -43.68
C GLU D 53 -32.62 36.33 -42.21
N LEU D 54 -33.30 37.06 -41.30
CA LEU D 54 -33.30 36.76 -39.86
C LEU D 54 -34.02 35.44 -39.58
N LYS D 55 -35.15 35.20 -40.25
CA LYS D 55 -35.94 33.97 -40.09
C LYS D 55 -35.11 32.75 -40.51
N ALA D 56 -34.32 32.88 -41.61
CA ALA D 56 -33.46 31.85 -42.15
C ALA D 56 -32.32 31.50 -41.19
N ARG D 57 -31.73 32.54 -40.58
CA ARG D 57 -30.64 32.44 -39.59
C ARG D 57 -31.16 31.76 -38.31
N ASN D 58 -32.33 32.19 -37.81
CA ASN D 58 -32.99 31.68 -36.61
C ASN D 58 -33.40 30.21 -36.75
N THR D 59 -33.94 29.82 -37.92
CA THR D 59 -34.36 28.45 -38.21
C THR D 59 -33.17 27.50 -38.06
N LYS D 60 -31.99 27.92 -38.58
CA LYS D 60 -30.73 27.20 -38.50
C LYS D 60 -30.23 27.14 -37.05
N LYS D 61 -30.25 28.29 -36.33
CA LYS D 61 -29.80 28.39 -34.93
C LYS D 61 -30.62 27.52 -33.97
N GLU D 62 -31.96 27.51 -34.14
CA GLU D 62 -32.86 26.74 -33.30
C GLU D 62 -32.66 25.24 -33.48
N GLY D 63 -32.45 24.80 -34.72
CA GLY D 63 -32.18 23.41 -35.04
C GLY D 63 -30.85 22.94 -34.47
N ASP D 64 -29.86 23.86 -34.46
CA ASP D 64 -28.52 23.67 -33.88
C ASP D 64 -28.65 23.58 -32.37
N LEU D 65 -29.55 24.39 -31.77
CA LEU D 65 -29.80 24.41 -30.33
C LEU D 65 -30.44 23.12 -29.86
N ILE D 66 -31.52 22.66 -30.52
CA ILE D 66 -32.21 21.40 -30.20
C ILE D 66 -31.18 20.23 -30.17
N ALA D 67 -30.31 20.15 -31.21
CA ALA D 67 -29.25 19.16 -31.36
C ALA D 67 -28.22 19.21 -30.21
N ALA D 68 -27.80 20.43 -29.81
CA ALA D 68 -26.86 20.65 -28.71
C ALA D 68 -27.46 20.19 -27.38
N GLN D 69 -28.77 20.51 -27.15
CA GLN D 69 -29.52 20.15 -25.95
C GLN D 69 -29.70 18.63 -25.84
N ALA D 70 -29.91 17.94 -26.98
CA ALA D 70 -30.06 16.49 -27.04
C ALA D 70 -28.73 15.84 -26.71
N ARG D 71 -27.61 16.37 -27.26
CA ARG D 71 -26.25 15.90 -27.03
C ARG D 71 -25.86 16.12 -25.57
N LEU D 72 -26.23 17.27 -24.98
CA LEU D 72 -25.96 17.61 -23.58
C LEU D 72 -26.59 16.60 -22.62
N LYS D 73 -27.90 16.31 -22.84
CA LYS D 73 -28.73 15.36 -22.09
C LYS D 73 -28.08 13.97 -22.09
N ASP D 74 -27.59 13.52 -23.28
CA ASP D 74 -26.92 12.25 -23.48
C ASP D 74 -25.59 12.23 -22.76
N LEU D 75 -24.86 13.37 -22.79
CA LEU D 75 -23.57 13.52 -22.12
C LEU D 75 -23.67 13.46 -20.59
N GLU D 76 -24.60 14.23 -20.02
CA GLU D 76 -24.81 14.30 -18.56
C GLU D 76 -25.18 12.93 -17.95
N ALA D 77 -25.96 12.14 -18.70
CA ALA D 77 -26.38 10.79 -18.36
C ALA D 77 -25.20 9.81 -18.39
N LEU D 78 -24.37 9.91 -19.45
CA LEU D 78 -23.18 9.07 -19.67
C LEU D 78 -22.12 9.37 -18.64
N LEU D 79 -21.97 10.66 -18.27
CA LEU D 79 -21.03 11.15 -17.28
C LEU D 79 -21.34 10.58 -15.90
N ASN D 80 -22.65 10.47 -15.58
CA ASN D 80 -23.19 9.92 -14.34
C ASN D 80 -22.92 8.41 -14.26
N SER D 81 -23.08 7.69 -15.40
CA SER D 81 -22.82 6.26 -15.53
C SER D 81 -21.34 6.01 -15.30
N LYS D 82 -20.47 6.82 -15.96
CA LYS D 82 -19.01 6.73 -15.88
C LYS D 82 -18.53 6.95 -14.46
N GLU D 83 -19.06 7.97 -13.78
CA GLU D 83 -18.70 8.25 -12.40
C GLU D 83 -19.07 7.09 -11.47
N ALA D 84 -20.25 6.45 -11.70
CA ALA D 84 -20.70 5.28 -10.93
C ALA D 84 -19.73 4.10 -11.15
N ALA D 85 -19.41 3.80 -12.43
CA ALA D 85 -18.49 2.76 -12.84
C ALA D 85 -17.09 2.98 -12.22
N LEU D 86 -16.62 4.25 -12.24
CA LEU D 86 -15.34 4.67 -11.68
C LEU D 86 -15.33 4.50 -10.17
N SER D 87 -16.43 4.92 -9.51
CA SER D 87 -16.65 4.80 -8.06
C SER D 87 -16.62 3.35 -7.62
N THR D 88 -17.19 2.43 -8.43
CA THR D 88 -17.24 0.98 -8.18
C THR D 88 -15.83 0.41 -8.30
N ALA D 89 -15.13 0.73 -9.40
CA ALA D 89 -13.78 0.27 -9.72
C ALA D 89 -12.77 0.63 -8.64
N LEU D 90 -12.88 1.84 -8.06
CA LEU D 90 -11.97 2.30 -7.02
C LEU D 90 -12.29 1.66 -5.68
N SER D 91 -13.58 1.37 -5.46
CA SER D 91 -14.08 0.70 -4.26
C SER D 91 -13.61 -0.75 -4.27
N GLU D 92 -13.74 -1.43 -5.41
CA GLU D 92 -13.33 -2.82 -5.59
C GLU D 92 -11.82 -2.97 -5.43
N LYS D 93 -11.04 -1.99 -5.96
CA LYS D 93 -9.58 -1.90 -5.88
C LYS D 93 -9.15 -1.83 -4.40
N ARG D 94 -9.84 -0.99 -3.61
CA ARG D 94 -9.60 -0.76 -2.19
C ARG D 94 -9.77 -2.05 -1.36
N THR D 95 -10.81 -2.85 -1.70
CA THR D 95 -11.08 -4.14 -1.07
C THR D 95 -9.96 -5.13 -1.43
N LEU D 96 -9.49 -5.11 -2.69
CA LEU D 96 -8.41 -5.96 -3.18
C LEU D 96 -7.12 -5.68 -2.44
N GLU D 97 -6.77 -4.38 -2.25
CA GLU D 97 -5.57 -3.95 -1.52
C GLU D 97 -5.59 -4.42 -0.05
N GLY D 98 -6.80 -4.54 0.51
CA GLY D 98 -7.01 -5.04 1.87
C GLY D 98 -6.80 -6.53 1.98
N GLU D 99 -7.33 -7.30 0.99
CA GLU D 99 -7.20 -8.77 0.89
C GLU D 99 -5.72 -9.12 0.68
N LEU D 100 -5.04 -8.33 -0.16
CA LEU D 100 -3.63 -8.45 -0.53
C LEU D 100 -2.75 -8.25 0.68
N HIS D 101 -3.06 -7.24 1.51
CA HIS D 101 -2.34 -6.93 2.75
C HIS D 101 -2.45 -8.12 3.73
N ASP D 102 -3.67 -8.69 3.83
CA ASP D 102 -3.97 -9.84 4.69
C ASP D 102 -3.22 -11.10 4.22
N LEU D 103 -3.13 -11.31 2.90
CA LEU D 103 -2.42 -12.45 2.31
C LEU D 103 -0.92 -12.35 2.49
N ARG D 104 -0.35 -11.13 2.39
CA ARG D 104 1.08 -10.86 2.56
C ARG D 104 1.53 -11.16 3.99
N GLY D 105 0.68 -10.87 4.96
CA GLY D 105 0.92 -11.14 6.37
C GLY D 105 0.92 -12.63 6.63
N GLN D 106 0.05 -13.37 5.90
CA GLN D 106 -0.08 -14.81 5.97
C GLN D 106 1.15 -15.52 5.41
N VAL D 107 1.70 -15.05 4.27
CA VAL D 107 2.90 -15.63 3.66
C VAL D 107 4.09 -15.48 4.63
N ALA D 108 4.30 -14.27 5.20
CA ALA D 108 5.35 -13.93 6.16
C ALA D 108 5.28 -14.81 7.42
N LYS D 109 4.06 -15.06 7.92
CA LYS D 109 3.76 -15.90 9.09
C LYS D 109 4.04 -17.37 8.80
N LEU D 110 3.73 -17.83 7.57
CA LEU D 110 3.97 -19.22 7.15
C LEU D 110 5.45 -19.48 6.89
N GLU D 111 6.18 -18.47 6.38
CA GLU D 111 7.62 -18.53 6.08
C GLU D 111 8.43 -18.63 7.36
N ALA D 112 8.05 -17.84 8.40
CA ALA D 112 8.68 -17.83 9.71
C ALA D 112 8.44 -19.17 10.41
N ALA D 113 7.21 -19.69 10.32
CA ALA D 113 6.83 -20.98 10.92
C ALA D 113 7.57 -22.13 10.24
N LEU D 114 7.78 -22.05 8.90
CA LEU D 114 8.49 -23.07 8.14
C LEU D 114 9.99 -23.09 8.46
N GLY D 115 10.57 -21.90 8.59
CA GLY D 115 11.98 -21.72 8.94
C GLY D 115 12.31 -22.28 10.32
N GLU D 116 11.41 -22.05 11.29
CA GLU D 116 11.55 -22.53 12.67
C GLU D 116 11.31 -24.05 12.76
N ALA D 117 10.37 -24.60 11.95
CA ALA D 117 10.10 -26.04 11.91
C ALA D 117 11.30 -26.78 11.33
N LYS D 118 11.98 -26.18 10.33
CA LYS D 118 13.17 -26.73 9.69
C LYS D 118 14.40 -26.69 10.63
N LYS D 119 14.50 -25.61 11.43
CA LYS D 119 15.57 -25.40 12.41
C LYS D 119 15.49 -26.43 13.51
N GLN D 120 14.26 -26.75 13.96
CA GLN D 120 13.99 -27.75 15.00
C GLN D 120 14.22 -29.16 14.49
N LEU D 121 13.93 -29.41 13.19
CA LEU D 121 14.14 -30.72 12.56
C LEU D 121 15.64 -30.99 12.45
N GLN D 122 16.42 -29.95 12.11
CA GLN D 122 17.88 -29.97 11.96
C GLN D 122 18.55 -30.42 13.27
N ASP D 123 18.18 -29.76 14.40
CA ASP D 123 18.68 -30.07 15.76
C ASP D 123 18.27 -31.47 16.22
N GLU D 124 17.02 -31.89 15.92
CA GLU D 124 16.50 -33.22 16.29
C GLU D 124 17.17 -34.34 15.53
N MET D 125 17.47 -34.14 14.24
CA MET D 125 18.16 -35.12 13.40
C MET D 125 19.56 -35.39 13.94
N LEU D 126 20.22 -34.33 14.46
CA LEU D 126 21.55 -34.43 15.06
C LEU D 126 21.53 -35.26 16.34
N ARG D 127 20.56 -34.97 17.22
CA ARG D 127 20.37 -35.67 18.49
C ARG D 127 20.07 -37.15 18.25
N ARG D 128 19.26 -37.46 17.21
CA ARG D 128 18.92 -38.83 16.83
C ARG D 128 20.17 -39.57 16.32
N VAL D 129 20.94 -38.95 15.41
CA VAL D 129 22.18 -39.50 14.84
C VAL D 129 23.19 -39.78 15.97
N ASP D 130 23.37 -38.79 16.87
CA ASP D 130 24.26 -38.87 18.04
C ASP D 130 23.84 -40.00 18.98
N ALA D 131 22.53 -40.09 19.32
CA ALA D 131 22.00 -41.14 20.20
C ALA D 131 22.14 -42.53 19.58
N GLU D 132 21.94 -42.65 18.24
CA GLU D 132 22.07 -43.91 17.51
C GLU D 132 23.54 -44.36 17.38
N ASN D 133 24.48 -43.39 17.32
CA ASN D 133 25.91 -43.66 17.25
C ASN D 133 26.41 -44.12 18.63
N ARG D 134 25.98 -43.43 19.71
CA ARG D 134 26.32 -43.76 21.11
C ARG D 134 25.76 -45.12 21.52
N LEU D 135 24.63 -45.53 20.90
CA LEU D 135 23.96 -46.80 21.14
C LEU D 135 24.77 -47.95 20.53
N GLN D 136 25.25 -47.77 19.28
CA GLN D 136 26.07 -48.75 18.56
C GLN D 136 27.39 -48.97 19.29
N THR D 137 27.97 -47.89 19.86
CA THR D 137 29.20 -47.91 20.65
C THR D 137 28.95 -48.64 21.99
N MET D 138 27.77 -48.42 22.60
CA MET D 138 27.35 -49.05 23.86
C MET D 138 27.09 -50.54 23.66
N LYS D 139 26.55 -50.94 22.48
CA LYS D 139 26.31 -52.33 22.12
C LYS D 139 27.67 -53.03 21.96
N GLU D 140 28.63 -52.34 21.32
CA GLU D 140 30.00 -52.80 21.09
C GLU D 140 30.77 -52.96 22.40
N GLU D 141 30.49 -52.08 23.39
CA GLU D 141 31.12 -52.13 24.71
C GLU D 141 30.59 -53.33 25.52
N LEU D 142 29.26 -53.59 25.45
CA LEU D 142 28.57 -54.70 26.13
C LEU D 142 29.07 -56.06 25.64
N ASP D 143 29.28 -56.23 24.32
CA ASP D 143 29.78 -57.48 23.75
C ASP D 143 31.24 -57.75 24.17
N PHE D 144 32.09 -56.70 24.27
CA PHE D 144 33.48 -56.85 24.71
C PHE D 144 33.58 -57.05 26.23
N GLN D 145 32.58 -56.55 27.00
CA GLN D 145 32.51 -56.71 28.45
C GLN D 145 32.05 -58.13 28.81
N LYS D 146 31.18 -58.72 27.96
CA LYS D 146 30.65 -60.08 28.09
C LYS D 146 31.69 -61.12 27.65
N ASN D 147 32.56 -60.75 26.68
CA ASN D 147 33.64 -61.58 26.14
C ASN D 147 34.78 -61.72 27.14
N ILE D 148 35.15 -60.62 27.83
CA ILE D 148 36.20 -60.59 28.84
C ILE D 148 35.71 -61.30 30.11
N TYR D 149 34.40 -61.23 30.39
CA TYR D 149 33.71 -61.89 31.52
C TYR D 149 33.84 -63.42 31.42
N SER D 150 33.53 -64.00 30.23
CA SER D 150 33.63 -65.44 29.96
C SER D 150 35.09 -65.92 29.82
N GLU D 151 36.02 -65.02 29.51
CA GLU D 151 37.46 -65.29 29.36
C GLU D 151 38.10 -65.53 30.74
N GLU D 152 37.72 -64.72 31.75
CA GLU D 152 38.23 -64.81 33.13
C GLU D 152 37.45 -65.82 33.96
N LEU D 153 36.14 -66.03 33.64
CA LEU D 153 35.25 -66.99 34.31
C LEU D 153 35.67 -68.43 34.00
N ARG D 154 36.17 -68.68 32.77
CA ARG D 154 36.62 -70.00 32.29
C ARG D 154 37.97 -70.38 32.93
N GLU D 155 38.84 -69.39 33.16
CA GLU D 155 40.17 -69.57 33.76
C GLU D 155 40.12 -69.79 35.28
N THR D 156 39.15 -69.15 35.97
CA THR D 156 38.99 -69.25 37.43
C THR D 156 38.23 -70.54 37.87
N LYS D 157 37.45 -71.18 36.95
CA LYS D 157 36.70 -72.42 37.22
C LYS D 157 37.53 -73.70 36.98
N ARG D 158 38.75 -73.55 36.42
CA ARG D 158 39.68 -74.65 36.15
C ARG D 158 40.45 -75.06 37.42
N ARG D 159 40.93 -74.06 38.21
CA ARG D 159 41.66 -74.19 39.47
C ARG D 159 42.84 -75.19 39.41
#